data_1F3V
#
_entry.id   1F3V
#
_cell.length_a   132.4
_cell.length_b   132.4
_cell.length_c   62.8
_cell.angle_alpha   90
_cell.angle_beta   90
_cell.angle_gamma   120
#
_symmetry.space_group_name_H-M   'H 3'
#
loop_
_entity.id
_entity.type
_entity.pdbx_description
1 polymer 'TUMOR NECROSIS FACTOR RECEPTOR TYPE 1 ASSOCIATED DEATH DOMAIN PROTEIN'
2 polymer 'TUMOR NECROSIS FACTOR RECEPTOR-ASSOCIATED PROTEIN'
3 water water
#
loop_
_entity_poly.entity_id
_entity_poly.type
_entity_poly.pdbx_seq_one_letter_code
_entity_poly.pdbx_strand_id
1 'polypeptide(L)'
;MAAGQNGHEEWVGSAYLFVESSLDKVVLSDAYAHPQQKVAVYRALQAALAESGGSPDVLQMLKIHRSDPQLIVQLRFCGR
QPCGRFLRAYREGALRAALQRSLAAALAQHSVPLQLELRAGAERLDALLADEERCLSCILAQQPDRLRDEELAELEDALR
NLKCGSGARGGDGEVASAP
;
A
2 'polypeptide(L)'
;KDLA(MSE)ADLEQKVLE(MSE)EASTYDGVFIWKISDFPRKRQEAVAGRIPAIFSPAFYTSRYGYK(MSE)CLRIYLNG
DGTGRGTHLSLFFVV(MSE)KGPNDALLRWPFNQKVTL(MSE)LLDQNNREHVIDAFRPDVTSSSFQRPVND(MSE)NIA
SGCPLFCPVSK(MSE)EAKNSYVRDDAIFIKAIVDLTGL
;
B
#
# COMPACT_ATOMS: atom_id res chain seq x y z
N HIS A 8 -15.28 -15.05 7.13
CA HIS A 8 -16.76 -14.90 7.30
C HIS A 8 -17.51 -14.96 5.96
N GLU A 9 -18.54 -14.12 5.84
CA GLU A 9 -19.42 -14.01 4.68
C GLU A 9 -18.87 -14.38 3.30
N GLU A 10 -17.56 -14.28 3.10
CA GLU A 10 -16.95 -14.61 1.82
C GLU A 10 -15.45 -14.53 2.04
N TRP A 11 -14.76 -15.61 1.72
CA TRP A 11 -13.32 -15.68 1.94
C TRP A 11 -12.52 -14.79 0.99
N VAL A 12 -11.84 -13.80 1.55
CA VAL A 12 -11.01 -12.91 0.74
C VAL A 12 -9.73 -12.62 1.53
N GLY A 13 -8.66 -12.33 0.82
CA GLY A 13 -7.40 -12.03 1.46
C GLY A 13 -6.48 -11.29 0.51
N SER A 14 -5.30 -10.93 1.01
CA SER A 14 -4.33 -10.22 0.19
C SER A 14 -2.88 -10.54 0.56
N ALA A 15 -1.97 -10.23 -0.36
CA ALA A 15 -0.55 -10.47 -0.13
C ALA A 15 0.23 -9.69 -1.18
N TYR A 16 1.53 -9.52 -0.95
CA TYR A 16 2.36 -8.82 -1.91
C TYR A 16 3.31 -9.78 -2.60
N LEU A 17 3.35 -9.71 -3.93
CA LEU A 17 4.21 -10.56 -4.74
C LEU A 17 5.41 -9.71 -5.19
N PHE A 18 6.62 -10.09 -4.75
CA PHE A 18 7.84 -9.38 -5.13
C PHE A 18 8.45 -10.03 -6.38
N VAL A 19 8.66 -9.24 -7.42
CA VAL A 19 9.22 -9.77 -8.65
C VAL A 19 10.54 -9.04 -8.98
N GLU A 20 11.59 -9.81 -9.25
CA GLU A 20 12.90 -9.23 -9.54
C GLU A 20 13.70 -9.96 -10.62
N SER A 21 14.49 -9.21 -11.38
CA SER A 21 15.32 -9.74 -12.46
C SER A 21 16.70 -10.20 -12.02
N SER A 22 17.32 -11.06 -12.83
CA SER A 22 18.66 -11.60 -12.55
C SER A 22 19.73 -10.94 -13.41
N LEU A 23 19.44 -10.74 -14.68
CA LEU A 23 20.37 -10.12 -15.61
C LEU A 23 20.49 -8.63 -15.31
N ASP A 24 21.70 -8.07 -15.40
CA ASP A 24 21.85 -6.65 -15.12
C ASP A 24 21.61 -5.69 -16.28
N LYS A 25 20.37 -5.25 -16.35
CA LYS A 25 19.83 -4.30 -17.31
C LYS A 25 18.33 -4.45 -17.15
N VAL A 26 17.88 -5.70 -17.24
CA VAL A 26 16.50 -6.07 -17.10
C VAL A 26 15.90 -5.60 -15.77
N VAL A 27 16.31 -4.40 -15.36
CA VAL A 27 15.83 -3.79 -14.12
C VAL A 27 14.36 -3.44 -14.30
N LEU A 28 13.51 -4.14 -13.56
CA LEU A 28 12.06 -3.96 -13.63
C LEU A 28 11.57 -2.58 -13.19
N SER A 29 12.20 -1.99 -12.18
CA SER A 29 11.79 -0.68 -11.71
C SER A 29 11.78 0.34 -12.85
N ASP A 30 12.91 0.49 -13.52
CA ASP A 30 13.02 1.45 -14.61
C ASP A 30 12.12 1.05 -15.77
N ALA A 31 12.02 -0.25 -16.03
CA ALA A 31 11.19 -0.75 -17.11
C ALA A 31 9.74 -0.32 -16.90
N TYR A 32 9.34 -0.15 -15.64
CA TYR A 32 7.97 0.24 -15.34
C TYR A 32 7.77 1.73 -15.57
N ALA A 33 8.64 2.55 -14.97
CA ALA A 33 8.55 4.00 -15.12
C ALA A 33 8.79 4.44 -16.56
N HIS A 34 9.15 3.50 -17.42
CA HIS A 34 9.41 3.80 -18.82
C HIS A 34 8.06 3.95 -19.54
N PRO A 35 7.79 5.15 -20.06
CA PRO A 35 6.55 5.45 -20.77
C PRO A 35 6.13 4.45 -21.85
N GLN A 36 7.11 3.86 -22.54
CA GLN A 36 6.80 2.94 -23.61
C GLN A 36 6.99 1.47 -23.25
N GLN A 37 7.15 1.17 -21.96
CA GLN A 37 7.31 -0.21 -21.52
C GLN A 37 6.24 -0.58 -20.49
N LYS A 38 5.92 0.37 -19.63
CA LYS A 38 4.93 0.20 -18.58
C LYS A 38 3.68 -0.58 -18.97
N VAL A 39 3.08 -0.25 -20.10
CA VAL A 39 1.89 -0.95 -20.56
C VAL A 39 2.18 -2.42 -20.83
N ALA A 40 3.34 -2.69 -21.44
CA ALA A 40 3.73 -4.06 -21.75
C ALA A 40 4.03 -4.85 -20.48
N VAL A 41 4.71 -4.23 -19.53
CA VAL A 41 5.03 -4.91 -18.27
C VAL A 41 3.71 -5.24 -17.58
N TYR A 42 2.81 -4.26 -17.54
CA TYR A 42 1.50 -4.44 -16.94
C TYR A 42 0.82 -5.64 -17.59
N ARG A 43 0.81 -5.65 -18.92
CA ARG A 43 0.18 -6.73 -19.67
C ARG A 43 0.82 -8.08 -19.34
N ALA A 44 2.13 -8.07 -19.17
CA ALA A 44 2.88 -9.28 -18.87
C ALA A 44 2.49 -9.85 -17.52
N LEU A 45 2.42 -8.98 -16.51
CA LEU A 45 2.04 -9.39 -15.17
C LEU A 45 0.61 -9.93 -15.17
N GLN A 46 -0.28 -9.22 -15.86
CA GLN A 46 -1.69 -9.61 -15.93
C GLN A 46 -1.90 -10.95 -16.63
N ALA A 47 -1.15 -11.19 -17.70
CA ALA A 47 -1.27 -12.44 -18.44
C ALA A 47 -0.67 -13.61 -17.66
N ALA A 48 0.46 -13.37 -17.01
CA ALA A 48 1.11 -14.43 -16.24
C ALA A 48 0.22 -14.88 -15.10
N LEU A 49 -0.36 -13.93 -14.37
CA LEU A 49 -1.24 -14.27 -13.26
C LEU A 49 -2.45 -15.06 -13.73
N ALA A 50 -3.09 -14.61 -14.80
CA ALA A 50 -4.27 -15.28 -15.33
C ALA A 50 -3.94 -16.66 -15.91
N GLU A 51 -2.69 -16.84 -16.32
CA GLU A 51 -2.24 -18.09 -16.90
C GLU A 51 -1.97 -19.18 -15.85
N SER A 52 -1.15 -18.85 -14.86
CA SER A 52 -0.77 -19.79 -13.82
C SER A 52 -1.25 -19.48 -12.40
N GLY A 53 -1.74 -18.26 -12.17
CA GLY A 53 -2.18 -17.91 -10.83
C GLY A 53 -3.65 -18.10 -10.55
N GLY A 54 -4.48 -17.75 -11.52
CA GLY A 54 -5.92 -17.87 -11.37
C GLY A 54 -6.62 -16.83 -12.23
N SER A 55 -7.91 -17.02 -12.50
CA SER A 55 -8.65 -16.07 -13.33
C SER A 55 -8.67 -14.68 -12.69
N PRO A 56 -8.92 -13.65 -13.51
CA PRO A 56 -8.97 -12.26 -13.04
C PRO A 56 -10.08 -11.98 -12.02
N ASP A 57 -11.08 -12.84 -11.95
CA ASP A 57 -12.16 -12.65 -10.99
C ASP A 57 -11.86 -13.28 -9.65
N VAL A 58 -10.85 -14.16 -9.63
CA VAL A 58 -10.46 -14.88 -8.41
C VAL A 58 -9.10 -14.39 -7.86
N LEU A 59 -8.31 -13.77 -8.73
CA LEU A 59 -6.99 -13.26 -8.40
C LEU A 59 -6.86 -11.87 -9.02
N GLN A 60 -6.91 -10.84 -8.18
CA GLN A 60 -6.87 -9.46 -8.67
C GLN A 60 -5.63 -8.69 -8.27
N MET A 61 -5.19 -7.81 -9.16
CA MET A 61 -4.05 -6.94 -8.89
C MET A 61 -4.65 -5.63 -8.41
N LEU A 62 -4.28 -5.20 -7.22
CA LEU A 62 -4.81 -3.96 -6.68
C LEU A 62 -3.86 -2.79 -6.92
N LYS A 63 -2.57 -3.07 -6.97
CA LYS A 63 -1.58 -2.02 -7.21
C LYS A 63 -0.22 -2.61 -7.55
N ILE A 64 0.56 -1.85 -8.29
CA ILE A 64 1.91 -2.25 -8.69
C ILE A 64 2.88 -1.21 -8.15
N HIS A 65 3.68 -1.62 -7.17
CA HIS A 65 4.64 -0.73 -6.53
C HIS A 65 6.01 -0.74 -7.19
N ARG A 66 6.48 0.43 -7.63
CA ARG A 66 7.83 0.52 -8.18
C ARG A 66 8.61 0.70 -6.90
N SER A 67 9.34 -0.30 -6.44
CA SER A 67 10.05 -0.10 -5.19
C SER A 67 11.43 -0.67 -4.85
N ASP A 68 12.45 -0.37 -5.66
CA ASP A 68 13.85 -0.73 -5.34
C ASP A 68 14.71 -1.97 -5.64
N PRO A 69 14.89 -2.42 -6.89
CA PRO A 69 14.59 -2.21 -8.31
C PRO A 69 13.58 -3.29 -8.72
N GLN A 70 12.90 -3.85 -7.73
CA GLN A 70 11.92 -4.90 -7.98
C GLN A 70 10.57 -4.25 -8.21
N LEU A 71 9.58 -5.08 -8.48
CA LEU A 71 8.22 -4.63 -8.66
C LEU A 71 7.44 -5.40 -7.60
N ILE A 72 6.58 -4.70 -6.87
CA ILE A 72 5.78 -5.36 -5.86
C ILE A 72 4.33 -5.25 -6.28
N VAL A 73 3.68 -6.41 -6.46
CA VAL A 73 2.30 -6.45 -6.89
C VAL A 73 1.36 -6.81 -5.73
N GLN A 74 0.48 -5.89 -5.37
CA GLN A 74 -0.47 -6.13 -4.28
C GLN A 74 -1.60 -6.98 -4.88
N LEU A 75 -1.84 -8.15 -4.32
CA LEU A 75 -2.87 -9.06 -4.81
C LEU A 75 -4.07 -9.22 -3.89
N ARG A 76 -5.23 -9.46 -4.50
CA ARG A 76 -6.46 -9.72 -3.77
C ARG A 76 -6.93 -11.10 -4.20
N PHE A 77 -7.13 -12.01 -3.25
CA PHE A 77 -7.59 -13.36 -3.57
C PHE A 77 -9.06 -13.50 -3.19
N CYS A 78 -9.85 -14.10 -4.08
CA CYS A 78 -11.26 -14.33 -3.83
C CYS A 78 -11.51 -15.83 -3.77
N GLY A 79 -11.83 -16.33 -2.58
CA GLY A 79 -12.07 -17.76 -2.42
C GLY A 79 -10.83 -18.44 -1.87
N ARG A 80 -10.99 -19.19 -0.79
CA ARG A 80 -9.85 -19.86 -0.17
C ARG A 80 -9.31 -20.96 -1.07
N GLN A 81 -10.19 -21.64 -1.79
CA GLN A 81 -9.78 -22.71 -2.68
C GLN A 81 -8.90 -22.14 -3.80
N PRO A 82 -9.37 -21.10 -4.50
CA PRO A 82 -8.59 -20.49 -5.58
C PRO A 82 -7.24 -19.99 -5.05
N CYS A 83 -7.24 -19.46 -3.82
CA CYS A 83 -6.00 -18.96 -3.23
C CYS A 83 -5.05 -20.14 -3.07
N GLY A 84 -5.60 -21.30 -2.72
CA GLY A 84 -4.79 -22.50 -2.56
C GLY A 84 -4.16 -22.88 -3.89
N ARG A 85 -4.93 -22.74 -4.98
CA ARG A 85 -4.42 -23.05 -6.31
C ARG A 85 -3.24 -22.13 -6.61
N PHE A 86 -3.39 -20.85 -6.28
CA PHE A 86 -2.33 -19.87 -6.49
C PHE A 86 -1.05 -20.26 -5.76
N LEU A 87 -1.19 -20.60 -4.48
CA LEU A 87 -0.07 -21.00 -3.65
C LEU A 87 0.68 -22.21 -4.20
N ARG A 88 -0.05 -23.18 -4.71
CA ARG A 88 0.56 -24.39 -5.26
C ARG A 88 1.32 -24.02 -6.54
N ALA A 89 0.70 -23.16 -7.35
CA ALA A 89 1.33 -22.71 -8.60
C ALA A 89 2.59 -21.93 -8.28
N TYR A 90 2.55 -21.21 -7.16
CA TYR A 90 3.69 -20.42 -6.72
C TYR A 90 4.83 -21.31 -6.25
N ARG A 91 4.55 -22.21 -5.30
CA ARG A 91 5.60 -23.10 -4.80
C ARG A 91 6.16 -24.06 -5.84
N GLU A 92 5.31 -24.53 -6.75
CA GLU A 92 5.75 -25.46 -7.79
C GLU A 92 6.57 -24.77 -8.89
N GLY A 93 6.56 -23.45 -8.91
CA GLY A 93 7.32 -22.70 -9.90
C GLY A 93 6.57 -22.33 -11.17
N ALA A 94 5.30 -22.72 -11.24
CA ALA A 94 4.49 -22.42 -12.42
C ALA A 94 4.26 -20.92 -12.61
N LEU A 95 3.99 -20.20 -11.52
CA LEU A 95 3.74 -18.77 -11.61
C LEU A 95 4.98 -18.10 -12.19
N ARG A 96 6.13 -18.45 -11.62
CA ARG A 96 7.41 -17.90 -12.03
C ARG A 96 7.74 -18.23 -13.49
N ALA A 97 7.39 -19.44 -13.92
CA ALA A 97 7.66 -19.86 -15.29
C ALA A 97 6.90 -18.98 -16.27
N ALA A 98 5.64 -18.70 -15.97
CA ALA A 98 4.79 -17.89 -16.83
C ALA A 98 5.22 -16.43 -16.83
N LEU A 99 5.74 -15.97 -15.70
CA LEU A 99 6.19 -14.58 -15.58
C LEU A 99 7.51 -14.36 -16.34
N GLN A 100 8.36 -15.38 -16.35
CA GLN A 100 9.63 -15.24 -17.06
C GLN A 100 9.36 -15.17 -18.56
N ARG A 101 8.37 -15.94 -19.01
CA ARG A 101 7.99 -15.96 -20.42
C ARG A 101 7.32 -14.67 -20.86
N SER A 102 6.31 -14.24 -20.11
CA SER A 102 5.58 -13.02 -20.47
C SER A 102 6.43 -11.77 -20.40
N LEU A 103 7.26 -11.65 -19.36
CA LEU A 103 8.12 -10.48 -19.24
C LEU A 103 9.17 -10.48 -20.34
N ALA A 104 9.74 -11.65 -20.63
CA ALA A 104 10.75 -11.78 -21.67
C ALA A 104 10.17 -11.27 -22.98
N ALA A 105 8.93 -11.68 -23.27
CA ALA A 105 8.27 -11.26 -24.49
C ALA A 105 7.94 -9.76 -24.43
N ALA A 106 7.59 -9.29 -23.23
CA ALA A 106 7.23 -7.90 -23.02
C ALA A 106 8.37 -6.91 -23.21
N LEU A 107 9.56 -7.27 -22.75
CA LEU A 107 10.72 -6.39 -22.86
C LEU A 107 11.60 -6.76 -24.05
N ALA A 108 11.05 -7.58 -24.96
CA ALA A 108 11.78 -8.00 -26.15
C ALA A 108 13.14 -8.56 -25.78
N GLN A 109 13.16 -9.67 -25.03
CA GLN A 109 14.41 -10.29 -24.64
C GLN A 109 14.31 -11.81 -24.71
N HIS A 110 15.45 -12.47 -24.86
CA HIS A 110 15.48 -13.91 -24.96
C HIS A 110 15.07 -14.54 -23.63
N SER A 111 15.62 -14.04 -22.54
CA SER A 111 15.30 -14.56 -21.23
C SER A 111 15.34 -13.48 -20.16
N VAL A 112 14.49 -13.64 -19.15
CA VAL A 112 14.42 -12.72 -18.04
C VAL A 112 14.16 -13.58 -16.80
N PRO A 113 15.18 -14.32 -16.34
CA PRO A 113 15.06 -15.19 -15.16
C PRO A 113 14.58 -14.35 -13.99
N LEU A 114 13.69 -14.91 -13.19
CA LEU A 114 13.11 -14.19 -12.07
C LEU A 114 13.31 -14.77 -10.67
N GLN A 115 13.25 -13.88 -9.68
CA GLN A 115 13.36 -14.24 -8.29
C GLN A 115 12.09 -13.69 -7.65
N LEU A 116 11.24 -14.56 -7.14
CA LEU A 116 9.98 -14.11 -6.53
C LEU A 116 9.99 -14.17 -5.01
N GLU A 117 9.11 -13.38 -4.40
CA GLU A 117 8.94 -13.36 -2.95
C GLU A 117 7.46 -13.15 -2.71
N LEU A 118 6.93 -13.74 -1.64
CA LEU A 118 5.52 -13.63 -1.32
C LEU A 118 5.35 -13.26 0.14
N ARG A 119 4.64 -12.17 0.42
CA ARG A 119 4.42 -11.76 1.80
C ARG A 119 2.98 -11.36 2.13
N ALA A 120 2.54 -11.76 3.31
CA ALA A 120 1.22 -11.42 3.81
C ALA A 120 1.53 -10.66 5.09
N GLY A 121 1.50 -9.33 5.02
CA GLY A 121 1.84 -8.54 6.18
C GLY A 121 3.33 -8.74 6.41
N ALA A 122 3.73 -8.93 7.66
CA ALA A 122 5.15 -9.13 7.95
C ALA A 122 5.57 -10.58 7.71
N GLU A 123 4.59 -11.45 7.51
CA GLU A 123 4.87 -12.87 7.29
C GLU A 123 5.41 -13.16 5.90
N ARG A 124 6.60 -13.75 5.84
CA ARG A 124 7.16 -14.11 4.54
C ARG A 124 6.73 -15.54 4.28
N LEU A 125 5.81 -15.71 3.35
CA LEU A 125 5.27 -17.02 3.05
C LEU A 125 6.27 -18.00 2.44
N ASP A 126 7.33 -17.49 1.83
CA ASP A 126 8.33 -18.36 1.22
C ASP A 126 8.87 -19.36 2.23
N ALA A 127 8.95 -18.97 3.49
CA ALA A 127 9.44 -19.85 4.55
C ALA A 127 8.33 -20.70 5.14
N LEU A 128 7.15 -20.68 4.52
CA LEU A 128 6.02 -21.45 5.02
C LEU A 128 5.30 -22.24 3.93
N LEU A 129 5.90 -22.31 2.74
CA LEU A 129 5.28 -23.02 1.63
C LEU A 129 4.85 -24.46 1.92
N ALA A 130 5.56 -25.14 2.81
CA ALA A 130 5.22 -26.53 3.14
C ALA A 130 3.89 -26.68 3.89
N ASP A 131 3.45 -25.61 4.52
CA ASP A 131 2.20 -25.62 5.26
C ASP A 131 1.24 -24.69 4.53
N GLU A 132 0.43 -25.25 3.65
CA GLU A 132 -0.51 -24.44 2.88
C GLU A 132 -1.59 -23.81 3.74
N GLU A 133 -2.02 -24.53 4.77
CA GLU A 133 -3.05 -24.01 5.66
C GLU A 133 -2.56 -22.77 6.40
N ARG A 134 -1.28 -22.77 6.79
CA ARG A 134 -0.72 -21.64 7.51
C ARG A 134 -0.64 -20.44 6.55
N CYS A 135 -0.23 -20.69 5.31
CA CYS A 135 -0.14 -19.62 4.33
C CYS A 135 -1.51 -18.99 4.11
N LEU A 136 -2.52 -19.83 3.92
CA LEU A 136 -3.88 -19.34 3.71
C LEU A 136 -4.34 -18.51 4.89
N SER A 137 -4.06 -18.99 6.10
CA SER A 137 -4.45 -18.28 7.30
C SER A 137 -3.80 -16.91 7.35
N CYS A 138 -2.54 -16.82 6.93
CA CYS A 138 -1.82 -15.54 6.93
C CYS A 138 -2.40 -14.57 5.89
N ILE A 139 -2.81 -15.10 4.75
CA ILE A 139 -3.36 -14.27 3.69
C ILE A 139 -4.73 -13.71 4.08
N LEU A 140 -5.52 -14.52 4.77
CA LEU A 140 -6.84 -14.10 5.23
C LEU A 140 -6.68 -13.01 6.29
N ALA A 141 -5.64 -13.12 7.11
CA ALA A 141 -5.38 -12.12 8.15
C ALA A 141 -5.18 -10.73 7.56
N GLN A 142 -4.79 -10.66 6.29
CA GLN A 142 -4.60 -9.36 5.67
C GLN A 142 -5.85 -8.97 4.87
N GLN A 143 -6.78 -8.29 5.54
CA GLN A 143 -8.02 -7.86 4.87
C GLN A 143 -7.75 -6.83 3.79
N PRO A 144 -8.29 -7.06 2.57
CA PRO A 144 -8.06 -6.10 1.49
C PRO A 144 -8.70 -4.80 1.97
N ASP A 145 -7.98 -3.69 1.89
CA ASP A 145 -8.54 -2.43 2.37
C ASP A 145 -8.73 -1.37 1.30
N ARG A 146 -8.25 -1.64 0.09
CA ARG A 146 -8.39 -0.67 -1.00
C ARG A 146 -8.90 -1.34 -2.28
N LEU A 147 -9.60 -0.58 -3.09
CA LEU A 147 -10.09 -1.10 -4.37
C LEU A 147 -8.92 -0.97 -5.34
N ARG A 148 -9.11 -1.41 -6.59
CA ARG A 148 -8.02 -1.33 -7.57
C ARG A 148 -7.55 0.11 -7.78
N ASP A 149 -6.22 0.28 -7.78
CA ASP A 149 -5.60 1.57 -7.98
C ASP A 149 -5.95 2.13 -9.36
N GLU A 150 -6.23 3.44 -9.43
CA GLU A 150 -6.61 4.09 -10.67
C GLU A 150 -5.57 3.89 -11.79
N GLU A 151 -4.30 3.82 -11.43
CA GLU A 151 -3.24 3.64 -12.42
C GLU A 151 -3.42 2.38 -13.26
N LEU A 152 -3.89 1.29 -12.65
CA LEU A 152 -4.10 0.05 -13.37
C LEU A 152 -5.26 0.14 -14.34
N ALA A 153 -6.29 0.91 -13.96
CA ALA A 153 -7.44 1.09 -14.83
C ALA A 153 -6.96 1.90 -16.04
N GLU A 154 -6.09 2.87 -15.77
CA GLU A 154 -5.54 3.70 -16.83
C GLU A 154 -4.73 2.86 -17.81
N LEU A 155 -3.99 1.90 -17.28
CA LEU A 155 -3.19 1.02 -18.13
C LEU A 155 -4.07 0.05 -18.88
N GLU A 156 -5.19 -0.34 -18.26
CA GLU A 156 -6.10 -1.26 -18.90
C GLU A 156 -6.72 -0.56 -20.11
N ASP A 157 -7.07 0.71 -19.95
CA ASP A 157 -7.64 1.47 -21.06
C ASP A 157 -6.62 1.49 -22.19
N ALA A 158 -5.40 1.87 -21.85
CA ALA A 158 -4.31 1.95 -22.81
C ALA A 158 -4.05 0.64 -23.54
N LEU A 159 -4.04 -0.46 -22.78
CA LEU A 159 -3.80 -1.77 -23.35
C LEU A 159 -4.88 -2.05 -24.39
N ARG A 160 -6.12 -1.74 -24.04
CA ARG A 160 -7.26 -1.96 -24.91
C ARG A 160 -7.32 -1.06 -26.15
N ASN A 161 -6.98 0.21 -26.01
CA ASN A 161 -7.00 1.11 -27.16
C ASN A 161 -5.93 0.73 -28.18
N LEU A 162 -4.80 0.22 -27.68
CA LEU A 162 -3.70 -0.18 -28.55
C LEU A 162 -4.05 -1.37 -29.42
N LYS A 163 -4.66 -2.39 -28.82
CA LYS A 163 -5.03 -3.61 -29.53
C LYS A 163 -6.08 -3.41 -30.61
N CYS A 164 -6.65 -2.21 -30.70
CA CYS A 164 -7.69 -1.94 -31.70
C CYS A 164 -7.15 -1.59 -33.08
N GLY A 165 -5.99 -0.96 -33.15
CA GLY A 165 -5.40 -0.59 -34.42
C GLY A 165 -3.88 -0.60 -34.36
N LYS B 1 -3.63 18.67 39.81
CA LYS B 1 -2.46 19.47 39.36
C LYS B 1 -2.06 19.07 37.92
N ASP B 2 -1.75 17.80 37.70
CA ASP B 2 -1.38 17.32 36.36
C ASP B 2 -2.57 16.75 35.63
N LEU B 3 -3.09 15.59 36.01
CA LEU B 3 -4.31 15.15 35.29
C LEU B 3 -5.10 16.45 35.10
N ALA B 4 -4.60 17.53 35.70
CA ALA B 4 -5.09 18.90 35.62
C ALA B 4 -4.57 19.69 34.39
N ALA B 6 -1.91 19.19 32.43
CA ALA B 6 -1.55 18.29 31.34
C ALA B 6 -2.67 18.08 30.33
N ASP B 7 -3.86 17.75 30.83
CA ASP B 7 -5.00 17.52 29.96
C ASP B 7 -5.40 18.78 29.20
N LEU B 8 -5.36 19.92 29.87
CA LEU B 8 -5.73 21.16 29.21
C LEU B 8 -4.73 21.52 28.12
N GLU B 9 -3.44 21.32 28.37
CA GLU B 9 -2.43 21.65 27.38
C GLU B 9 -2.56 20.72 26.16
N GLN B 10 -3.03 19.50 26.40
CA GLN B 10 -3.20 18.54 25.33
C GLN B 10 -4.37 18.96 24.45
N LYS B 11 -5.47 19.39 25.08
CA LYS B 11 -6.63 19.85 24.33
C LYS B 11 -6.24 20.97 23.39
N VAL B 12 -5.57 21.98 23.94
CA VAL B 12 -5.14 23.14 23.17
C VAL B 12 -4.27 22.71 21.97
N LEU B 13 -3.37 21.77 22.22
CA LEU B 13 -2.51 21.26 21.15
C LEU B 13 -3.33 20.62 20.05
N GLU B 14 -4.28 19.76 20.43
CA GLU B 14 -5.13 19.09 19.46
C GLU B 14 -5.95 20.12 18.69
N GLU B 16 -5.24 23.28 18.12
CA GLU B 16 -4.35 24.04 17.24
C GLU B 16 -3.99 23.27 15.96
N ALA B 17 -3.98 21.95 16.02
CA ALA B 17 -3.63 21.14 14.86
C ALA B 17 -4.81 20.70 14.00
N SER B 18 -6.02 20.73 14.55
CA SER B 18 -7.19 20.27 13.81
C SER B 18 -7.63 21.11 12.62
N THR B 19 -8.14 20.44 11.59
CA THR B 19 -8.68 21.09 10.40
C THR B 19 -10.04 20.45 10.20
N TYR B 20 -10.95 21.14 9.51
CA TYR B 20 -12.30 20.62 9.29
C TYR B 20 -12.73 20.61 7.82
N ASP B 21 -11.77 20.46 6.92
CA ASP B 21 -12.10 20.44 5.50
C ASP B 21 -11.48 19.25 4.77
N GLY B 22 -11.11 18.23 5.54
CA GLY B 22 -10.53 17.04 4.94
C GLY B 22 -9.11 17.19 4.44
N VAL B 23 -8.48 18.32 4.74
CA VAL B 23 -7.11 18.54 4.29
C VAL B 23 -6.21 18.73 5.51
N PHE B 24 -5.21 17.88 5.64
CA PHE B 24 -4.29 17.93 6.76
C PHE B 24 -2.84 17.87 6.28
N ILE B 25 -2.01 18.73 6.88
CA ILE B 25 -0.59 18.76 6.56
C ILE B 25 0.09 18.55 7.90
N TRP B 26 0.86 17.47 7.99
CA TRP B 26 1.54 17.09 9.21
C TRP B 26 3.05 17.30 9.10
N LYS B 27 3.55 18.29 9.84
CA LYS B 27 4.98 18.59 9.87
C LYS B 27 5.64 17.79 10.98
N ILE B 28 6.55 16.91 10.59
CA ILE B 28 7.26 16.09 11.55
C ILE B 28 8.69 16.62 11.66
N SER B 29 8.98 17.31 12.75
CA SER B 29 10.31 17.86 12.97
C SER B 29 11.16 16.89 13.79
N ASP B 30 12.45 17.21 13.90
CA ASP B 30 13.36 16.36 14.66
C ASP B 30 13.34 14.99 13.96
N PHE B 31 13.32 15.03 12.64
CA PHE B 31 13.27 13.83 11.81
C PHE B 31 14.38 12.81 12.12
N PRO B 32 15.62 13.29 12.12
CA PRO B 32 16.77 12.43 12.38
C PRO B 32 16.59 11.59 13.63
N ARG B 33 16.23 12.23 14.73
CA ARG B 33 16.02 11.54 16.00
C ARG B 33 14.88 10.53 15.95
N LYS B 34 13.70 10.98 15.55
CA LYS B 34 12.55 10.09 15.45
C LYS B 34 12.85 8.91 14.53
N ARG B 35 13.65 9.17 13.52
CA ARG B 35 14.04 8.16 12.54
C ARG B 35 14.82 7.03 13.24
N GLN B 36 15.83 7.39 14.03
CA GLN B 36 16.61 6.37 14.73
C GLN B 36 15.85 5.63 15.82
N GLU B 37 14.94 6.31 16.50
CA GLU B 37 14.15 5.65 17.54
C GLU B 37 13.33 4.56 16.87
N ALA B 38 12.93 4.79 15.64
CA ALA B 38 12.15 3.82 14.89
C ALA B 38 13.06 2.66 14.51
N VAL B 39 14.19 2.99 13.90
CA VAL B 39 15.16 1.97 13.47
C VAL B 39 15.60 1.08 14.63
N ALA B 40 15.62 1.65 15.84
CA ALA B 40 16.04 0.89 17.02
C ALA B 40 14.90 0.14 17.69
N GLY B 41 13.69 0.31 17.17
CA GLY B 41 12.55 -0.38 17.75
C GLY B 41 11.96 0.25 19.00
N ARG B 42 12.58 1.32 19.49
CA ARG B 42 12.07 1.99 20.69
C ARG B 42 10.72 2.67 20.48
N ILE B 43 10.59 3.45 19.41
CA ILE B 43 9.33 4.13 19.09
C ILE B 43 9.09 3.88 17.61
N PRO B 44 8.53 2.70 17.28
CA PRO B 44 8.22 2.31 15.91
C PRO B 44 7.26 3.19 15.14
N ALA B 45 6.26 3.73 15.82
CA ALA B 45 5.26 4.55 15.14
C ALA B 45 4.84 5.82 15.87
N ILE B 46 4.26 6.73 15.10
CA ILE B 46 3.79 8.02 15.63
C ILE B 46 2.39 8.34 15.12
N PHE B 47 1.52 8.81 16.01
CA PHE B 47 0.17 9.20 15.61
C PHE B 47 0.18 10.71 15.38
N SER B 48 -0.68 11.19 14.48
CA SER B 48 -0.77 12.61 14.21
C SER B 48 -2.00 13.12 14.95
N PRO B 49 -2.12 14.45 15.09
CA PRO B 49 -3.30 14.98 15.77
C PRO B 49 -4.50 14.64 14.87
N ALA B 50 -5.69 14.78 15.41
CA ALA B 50 -6.91 14.46 14.67
C ALA B 50 -7.38 15.60 13.77
N PHE B 51 -8.05 15.23 12.68
CA PHE B 51 -8.62 16.21 11.76
C PHE B 51 -9.96 15.64 11.30
N TYR B 52 -10.76 16.46 10.62
CA TYR B 52 -12.11 16.03 10.22
C TYR B 52 -12.49 16.38 8.79
N THR B 53 -13.51 15.71 8.28
CA THR B 53 -14.00 15.95 6.92
C THR B 53 -14.85 17.21 6.81
N SER B 54 -15.44 17.62 7.93
CA SER B 54 -16.28 18.82 8.02
C SER B 54 -16.39 19.19 9.50
N ARG B 55 -16.98 20.34 9.80
CA ARG B 55 -17.08 20.77 11.19
C ARG B 55 -17.61 19.68 12.12
N TYR B 56 -18.60 18.92 11.65
CA TYR B 56 -19.17 17.85 12.44
C TYR B 56 -19.07 16.53 11.67
N GLY B 57 -17.95 16.35 10.97
CA GLY B 57 -17.76 15.15 10.17
C GLY B 57 -16.97 14.01 10.80
N TYR B 58 -16.39 13.16 9.96
CA TYR B 58 -15.61 12.04 10.46
C TYR B 58 -14.35 12.55 11.14
N LYS B 59 -13.90 11.80 12.15
CA LYS B 59 -12.69 12.13 12.89
C LYS B 59 -11.63 11.15 12.37
N CYS B 61 -7.02 10.44 11.82
CA CYS B 61 -5.65 10.80 12.16
C CYS B 61 -4.77 9.90 11.29
N LEU B 62 -3.48 10.20 11.25
CA LEU B 62 -2.55 9.42 10.46
C LEU B 62 -1.63 8.67 11.40
N ARG B 63 -1.07 7.56 10.94
CA ARG B 63 -0.13 6.79 11.74
C ARG B 63 1.03 6.47 10.84
N ILE B 64 2.23 6.86 11.26
CA ILE B 64 3.41 6.63 10.45
C ILE B 64 4.47 5.80 11.15
N TYR B 65 5.21 5.00 10.37
CA TYR B 65 6.31 4.17 10.86
C TYR B 65 7.51 4.59 10.03
N LEU B 66 8.42 5.34 10.63
CA LEU B 66 9.60 5.81 9.89
C LEU B 66 10.47 4.69 9.34
N ASN B 67 10.48 3.54 10.02
CA ASN B 67 11.27 2.43 9.51
C ASN B 67 10.37 1.29 9.02
N GLY B 68 9.11 1.61 8.73
CA GLY B 68 8.17 0.64 8.20
C GLY B 68 7.41 -0.31 9.10
N ASP B 69 6.31 -0.84 8.55
CA ASP B 69 5.45 -1.79 9.25
C ASP B 69 4.92 -2.82 8.25
N GLY B 70 4.59 -4.01 8.74
CA GLY B 70 4.07 -5.05 7.87
C GLY B 70 5.03 -5.47 6.77
N THR B 71 4.51 -5.56 5.56
CA THR B 71 5.32 -5.96 4.41
C THR B 71 6.45 -4.96 4.14
N GLY B 72 6.38 -3.79 4.76
CA GLY B 72 7.42 -2.78 4.54
C GLY B 72 8.36 -2.56 5.70
N ARG B 73 8.25 -3.39 6.73
CA ARG B 73 9.09 -3.27 7.92
C ARG B 73 10.58 -3.30 7.58
N GLY B 74 11.28 -2.25 7.98
CA GLY B 74 12.71 -2.17 7.73
C GLY B 74 13.13 -1.76 6.33
N THR B 75 12.19 -1.68 5.40
CA THR B 75 12.54 -1.32 4.03
C THR B 75 11.85 -0.07 3.49
N HIS B 76 10.65 0.23 4.00
CA HIS B 76 9.91 1.39 3.54
C HIS B 76 9.36 2.23 4.68
N LEU B 77 8.96 3.44 4.33
CA LEU B 77 8.30 4.32 5.27
C LEU B 77 6.87 3.82 5.10
N SER B 78 6.17 3.57 6.19
CA SER B 78 4.80 3.10 6.12
C SER B 78 3.92 4.23 6.65
N LEU B 79 2.85 4.54 5.93
CA LEU B 79 1.97 5.63 6.34
C LEU B 79 0.53 5.12 6.34
N PHE B 80 -0.19 5.36 7.43
CA PHE B 80 -1.57 4.90 7.50
C PHE B 80 -2.60 5.96 7.86
N PHE B 81 -3.83 5.65 7.48
CA PHE B 81 -5.00 6.48 7.70
C PHE B 81 -5.84 5.74 8.75
N VAL B 82 -6.30 6.48 9.76
CA VAL B 82 -7.08 5.87 10.82
C VAL B 82 -8.42 6.55 11.06
N VAL B 83 -9.49 5.76 11.04
CA VAL B 83 -10.81 6.29 11.31
C VAL B 83 -10.99 6.21 12.83
N LYS B 85 -13.19 7.32 16.59
CA LYS B 85 -14.54 7.47 17.08
C LYS B 85 -14.82 8.97 17.20
N GLY B 86 -15.71 9.47 16.36
CA GLY B 86 -16.03 10.88 16.38
C GLY B 86 -17.27 11.19 17.21
N PRO B 87 -17.34 12.40 17.80
CA PRO B 87 -18.47 12.83 18.62
C PRO B 87 -19.80 12.88 17.87
N ASN B 88 -19.73 12.90 16.54
CA ASN B 88 -20.94 12.98 15.74
C ASN B 88 -21.15 11.77 14.82
N ASP B 89 -20.51 10.64 15.14
CA ASP B 89 -20.65 9.45 14.30
C ASP B 89 -22.08 8.98 14.10
N ALA B 90 -22.95 9.24 15.07
CA ALA B 90 -24.34 8.81 14.96
C ALA B 90 -25.07 9.53 13.84
N LEU B 91 -24.50 10.63 13.36
CA LEU B 91 -25.12 11.41 12.30
C LEU B 91 -24.52 11.14 10.92
N LEU B 92 -23.40 10.42 10.90
CA LEU B 92 -22.69 10.13 9.66
C LEU B 92 -23.08 8.82 8.98
N ARG B 93 -22.70 8.72 7.71
CA ARG B 93 -22.97 7.55 6.91
C ARG B 93 -21.86 6.53 7.14
N TRP B 94 -22.23 5.28 7.43
CA TRP B 94 -21.23 4.25 7.62
C TRP B 94 -21.54 3.10 6.69
N PRO B 95 -20.50 2.41 6.19
CA PRO B 95 -19.07 2.59 6.44
C PRO B 95 -18.44 3.81 5.79
N PHE B 96 -17.26 4.18 6.28
CA PHE B 96 -16.50 5.30 5.74
C PHE B 96 -16.18 4.93 4.29
N ASN B 97 -16.49 5.81 3.35
CA ASN B 97 -16.22 5.48 1.95
C ASN B 97 -15.79 6.70 1.12
N GLN B 98 -14.75 7.39 1.58
CA GLN B 98 -14.25 8.57 0.86
C GLN B 98 -12.85 8.25 0.36
N LYS B 99 -12.51 8.74 -0.83
CA LYS B 99 -11.18 8.50 -1.36
C LYS B 99 -10.21 9.28 -0.47
N VAL B 100 -9.06 8.69 -0.20
CA VAL B 100 -8.06 9.32 0.63
C VAL B 100 -6.72 9.35 -0.10
N THR B 101 -6.15 10.54 -0.20
CA THR B 101 -4.87 10.68 -0.87
C THR B 101 -3.82 11.01 0.20
N LEU B 102 -2.76 10.21 0.24
CA LEU B 102 -1.67 10.41 1.19
C LEU B 102 -0.44 10.87 0.41
N LEU B 104 3.83 12.60 0.74
CA LEU B 104 5.07 12.96 1.43
C LEU B 104 5.51 14.09 0.52
N LEU B 105 5.49 15.32 1.03
CA LEU B 105 5.83 16.47 0.19
C LEU B 105 7.30 16.68 -0.14
N ASP B 106 7.56 16.88 -1.43
CA ASP B 106 8.91 17.17 -1.92
C ASP B 106 9.08 18.64 -1.60
N GLN B 107 10.11 18.99 -0.84
CA GLN B 107 10.30 20.39 -0.48
C GLN B 107 10.88 21.30 -1.56
N ASN B 108 11.03 20.75 -2.77
CA ASN B 108 11.47 21.54 -3.92
C ASN B 108 10.23 21.60 -4.79
N ASN B 109 9.16 20.98 -4.27
CA ASN B 109 7.86 20.95 -4.94
C ASN B 109 7.93 20.44 -6.38
N ARG B 110 8.69 19.37 -6.58
CA ARG B 110 8.83 18.80 -7.90
C ARG B 110 8.21 17.41 -8.02
N GLU B 111 8.60 16.50 -7.14
CA GLU B 111 8.09 15.13 -7.20
C GLU B 111 7.63 14.61 -5.85
N HIS B 112 6.36 14.78 -5.53
CA HIS B 112 5.81 14.31 -4.27
C HIS B 112 5.52 12.82 -4.34
N VAL B 113 5.64 12.13 -3.20
CA VAL B 113 5.31 10.71 -3.14
C VAL B 113 3.81 10.72 -2.90
N ILE B 114 3.05 10.07 -3.77
CA ILE B 114 1.60 10.09 -3.64
C ILE B 114 0.90 8.75 -3.83
N ASP B 115 -0.08 8.47 -2.97
CA ASP B 115 -0.86 7.25 -3.08
C ASP B 115 -2.31 7.63 -2.80
N ALA B 116 -3.15 7.51 -3.82
CA ALA B 116 -4.56 7.81 -3.70
C ALA B 116 -5.28 6.48 -3.67
N PHE B 117 -6.08 6.24 -2.64
CA PHE B 117 -6.78 4.97 -2.59
C PHE B 117 -8.24 5.10 -2.18
N ARG B 118 -9.04 4.21 -2.74
CA ARG B 118 -10.45 4.14 -2.44
C ARG B 118 -10.62 2.97 -1.49
N PRO B 119 -11.24 3.21 -0.33
CA PRO B 119 -11.45 2.16 0.65
C PRO B 119 -12.24 0.98 0.11
N ASP B 120 -11.88 -0.21 0.57
CA ASP B 120 -12.60 -1.42 0.21
C ASP B 120 -13.48 -1.52 1.44
N VAL B 121 -14.70 -1.01 1.31
CA VAL B 121 -15.67 -0.98 2.39
C VAL B 121 -15.95 -2.30 3.14
N THR B 122 -15.46 -3.43 2.65
CA THR B 122 -15.72 -4.68 3.35
C THR B 122 -14.77 -4.81 4.56
N SER B 123 -13.72 -4.00 4.57
CA SER B 123 -12.76 -4.02 5.66
C SER B 123 -13.29 -3.40 6.95
N SER B 124 -12.91 -3.99 8.08
CA SER B 124 -13.33 -3.48 9.38
C SER B 124 -12.74 -2.09 9.63
N SER B 125 -11.73 -1.72 8.86
CA SER B 125 -11.08 -0.42 8.99
C SER B 125 -12.04 0.73 8.73
N PHE B 126 -13.15 0.45 8.07
CA PHE B 126 -14.09 1.51 7.72
C PHE B 126 -15.46 1.46 8.38
N GLN B 127 -15.67 0.54 9.30
CA GLN B 127 -16.98 0.46 9.96
C GLN B 127 -17.08 1.50 11.05
N ARG B 128 -18.30 1.78 11.50
CA ARG B 128 -18.48 2.76 12.56
C ARG B 128 -17.67 2.31 13.77
N PRO B 129 -16.80 3.19 14.29
CA PRO B 129 -15.95 2.91 15.44
C PRO B 129 -16.65 2.47 16.72
N VAL B 130 -16.10 1.44 17.35
CA VAL B 130 -16.62 0.93 18.61
C VAL B 130 -15.56 1.30 19.65
N ASN B 131 -14.31 1.36 19.23
CA ASN B 131 -13.22 1.74 20.10
C ASN B 131 -12.75 3.12 19.66
N ASP B 132 -11.82 3.71 20.41
CA ASP B 132 -11.34 5.04 20.08
C ASP B 132 -10.82 5.12 18.63
N ASN B 134 -10.24 2.70 14.84
CA ASN B 134 -10.45 1.47 14.08
C ASN B 134 -9.07 0.98 13.67
N ILE B 135 -9.02 -0.19 13.06
CA ILE B 135 -7.76 -0.72 12.57
C ILE B 135 -7.34 0.21 11.44
N ALA B 136 -6.08 0.59 11.41
CA ALA B 136 -5.58 1.49 10.37
C ALA B 136 -5.57 0.83 8.99
N SER B 137 -5.62 1.65 7.96
CA SER B 137 -5.57 1.14 6.59
C SER B 137 -4.55 2.05 5.94
N GLY B 138 -4.07 1.68 4.76
CA GLY B 138 -3.10 2.58 4.16
C GLY B 138 -2.00 1.98 3.30
N CYS B 139 -0.82 2.55 3.46
CA CYS B 139 0.31 2.17 2.64
C CYS B 139 1.53 1.62 3.37
N PRO B 140 1.64 0.29 3.50
CA PRO B 140 2.79 -0.31 4.19
C PRO B 140 4.08 -0.07 3.39
N LEU B 141 3.93 0.05 2.08
CA LEU B 141 5.06 0.30 1.17
C LEU B 141 4.93 1.70 0.58
N PHE B 142 4.52 2.66 1.39
CA PHE B 142 4.34 4.02 0.90
C PHE B 142 5.56 4.61 0.22
N CYS B 143 6.70 4.53 0.91
CA CYS B 143 7.92 5.11 0.37
C CYS B 143 9.20 4.37 0.77
N PRO B 144 9.96 3.87 -0.21
CA PRO B 144 11.19 3.16 0.15
C PRO B 144 12.09 4.09 0.97
N VAL B 145 12.71 3.54 2.00
CA VAL B 145 13.59 4.29 2.89
C VAL B 145 14.65 5.16 2.23
N SER B 146 15.24 4.68 1.15
CA SER B 146 16.28 5.44 0.46
C SER B 146 15.87 6.86 0.05
N LYS B 147 14.58 7.06 -0.26
CA LYS B 147 14.12 8.38 -0.65
C LYS B 147 14.12 9.43 0.45
N GLU B 149 16.29 9.64 3.42
CA GLU B 149 17.41 9.38 4.31
C GLU B 149 18.77 9.40 3.63
N ALA B 150 19.14 10.60 3.18
CA ALA B 150 20.42 10.89 2.50
C ALA B 150 20.29 11.20 1.02
N LYS B 151 20.85 12.35 0.65
CA LYS B 151 20.88 12.82 -0.74
C LYS B 151 19.67 13.52 -1.35
N ASN B 152 18.52 13.54 -0.69
CA ASN B 152 17.41 14.22 -1.35
C ASN B 152 16.37 15.06 -0.61
N SER B 153 15.61 15.75 -1.46
CA SER B 153 14.56 16.72 -1.13
C SER B 153 13.38 16.53 -0.17
N TYR B 154 13.12 15.33 0.33
CA TYR B 154 11.97 15.21 1.23
C TYR B 154 12.28 15.66 2.64
N VAL B 155 13.51 15.38 3.09
CA VAL B 155 13.92 15.81 4.42
C VAL B 155 14.70 17.12 4.24
N ARG B 156 14.27 18.16 4.94
CA ARG B 156 14.96 19.44 4.86
C ARG B 156 14.89 20.14 6.20
N ASP B 157 16.06 20.56 6.70
CA ASP B 157 16.15 21.21 7.99
C ASP B 157 15.59 20.28 9.05
N ASP B 158 15.94 19.01 8.91
CA ASP B 158 15.54 17.97 9.85
C ASP B 158 14.03 17.85 10.05
N ALA B 159 13.28 18.08 8.98
CA ALA B 159 11.81 17.98 9.03
C ALA B 159 11.20 17.49 7.73
N ILE B 160 10.05 16.84 7.83
CA ILE B 160 9.35 16.36 6.64
C ILE B 160 7.89 16.79 6.75
N PHE B 161 7.23 16.88 5.60
CA PHE B 161 5.82 17.24 5.58
C PHE B 161 4.95 16.16 4.98
N ILE B 162 4.00 15.66 5.76
CA ILE B 162 3.08 14.63 5.30
C ILE B 162 1.76 15.33 5.04
N LYS B 163 1.12 15.01 3.93
CA LYS B 163 -0.16 15.63 3.63
C LYS B 163 -1.23 14.59 3.31
N ALA B 164 -2.43 14.85 3.80
CA ALA B 164 -3.57 13.97 3.58
C ALA B 164 -4.71 14.79 2.99
N ILE B 165 -5.41 14.22 2.01
CA ILE B 165 -6.53 14.89 1.38
C ILE B 165 -7.70 13.91 1.30
N VAL B 166 -8.73 14.17 2.09
CA VAL B 166 -9.91 13.32 2.09
C VAL B 166 -10.92 13.89 1.10
N ASP B 167 -11.18 13.14 0.03
CA ASP B 167 -12.14 13.59 -0.98
C ASP B 167 -13.53 13.61 -0.37
N LEU B 168 -14.17 14.78 -0.44
CA LEU B 168 -15.50 14.99 0.13
C LEU B 168 -16.67 14.73 -0.79
N THR B 169 -16.41 14.16 -1.97
CA THR B 169 -17.48 13.88 -2.91
C THR B 169 -18.55 12.99 -2.27
N GLY B 170 -19.79 13.49 -2.24
CA GLY B 170 -20.88 12.73 -1.65
C GLY B 170 -21.27 13.20 -0.26
N LEU B 171 -20.47 14.09 0.31
CA LEU B 171 -20.74 14.62 1.64
C LEU B 171 -21.33 16.03 1.56
#